data_3ZCI
#
_entry.id   3ZCI
#
_cell.length_a   181.002
_cell.length_b   181.002
_cell.length_c   181.002
_cell.angle_alpha   90.00
_cell.angle_beta   90.00
_cell.angle_gamma   90.00
#
_symmetry.space_group_name_H-M   'F 2 3'
#
loop_
_entity.id
_entity.type
_entity.pdbx_description
1 polymer 'CAG PATHOGENICITY ISLAND PROTEIN (CAG18)'
2 non-polymer 'SULFATE ION'
3 non-polymer '1,4-DIETHYLENE DIOXIDE'
4 non-polymer Meso-2,3-Butanediol
5 non-polymer 'CHLORIDE ION'
6 water water
#
_entity_poly.entity_id   1
_entity_poly.type   'polypeptide(L)'
_entity_poly.pdbx_seq_one_letter_code
;GA(MSE)EDITSGLKQLDSTYQETNQQVLKNLDEIFSTTSPSANNE(MSE)GEEDALNIATAAIALRGDLALLKANFEAN
ELFFISEDVIFKTY(MSE)SSPELLLTY(MSE)KINPLDQNTAEQQCGISDKVLVLYCEGKLKIEATAQNIRERLETSLK
AYQSNIGGTASLITASQTLVESLKNKNFIKGIRKL(MSE)LAHNKVFLNYLEELDALERSLEQSKRQYLQERQSSKIIVK
;
_entity_poly.pdbx_strand_id   A
#
# COMPACT_ATOMS: atom_id res chain seq x y z
N GLY A 1 -9.95 -10.57 -3.75
CA GLY A 1 -11.30 -10.21 -3.37
C GLY A 1 -11.49 -8.70 -3.43
N ALA A 2 -10.86 -8.02 -2.48
CA ALA A 2 -11.00 -6.58 -2.36
C ALA A 2 -9.83 -5.83 -2.94
N GLU A 4 -8.56 -7.00 -6.03
CA GLU A 4 -8.94 -6.61 -7.39
C GLU A 4 -9.54 -5.19 -7.47
N ASP A 5 -10.43 -4.86 -6.54
CA ASP A 5 -10.97 -3.50 -6.41
C ASP A 5 -9.89 -2.40 -6.35
N ILE A 6 -8.85 -2.64 -5.56
CA ILE A 6 -7.80 -1.69 -5.27
C ILE A 6 -6.84 -1.59 -6.47
N THR A 7 -6.60 -2.73 -7.09
CA THR A 7 -5.75 -2.79 -8.29
C THR A 7 -6.40 -2.00 -9.43
N SER A 8 -7.70 -2.22 -9.55
CA SER A 8 -8.49 -1.55 -10.55
C SER A 8 -8.55 -0.03 -10.27
N GLY A 9 -8.76 0.34 -9.01
CA GLY A 9 -8.78 1.74 -8.60
C GLY A 9 -7.49 2.42 -9.03
N LEU A 10 -6.39 1.72 -8.79
CA LEU A 10 -5.13 2.25 -9.24
C LEU A 10 -5.02 2.40 -10.76
N LYS A 11 -5.48 1.39 -11.50
CA LYS A 11 -5.41 1.52 -12.97
C LYS A 11 -6.24 2.71 -13.49
N GLN A 12 -7.43 2.89 -12.91
N GLN A 12 -7.42 2.91 -12.92
CA GLN A 12 -8.29 4.01 -13.29
CA GLN A 12 -8.24 4.04 -13.35
C GLN A 12 -7.60 5.35 -12.99
C GLN A 12 -7.59 5.37 -12.99
N LEU A 13 -7.00 5.45 -11.79
CA LEU A 13 -6.34 6.71 -11.39
C LEU A 13 -5.19 6.99 -12.32
N ASP A 14 -4.44 5.95 -12.67
N ASP A 14 -4.42 5.96 -12.65
CA ASP A 14 -3.31 6.13 -13.57
CA ASP A 14 -3.30 6.10 -13.57
C ASP A 14 -3.78 6.61 -14.93
C ASP A 14 -3.77 6.59 -14.93
N SER A 15 -4.88 6.07 -15.41
CA SER A 15 -5.41 6.48 -16.69
C SER A 15 -5.79 7.98 -16.65
N THR A 16 -6.53 8.37 -15.60
CA THR A 16 -6.87 9.79 -15.43
C THR A 16 -5.61 10.68 -15.32
N TYR A 17 -4.60 10.21 -14.61
CA TYR A 17 -3.34 10.93 -14.48
C TYR A 17 -2.70 11.18 -15.84
N GLN A 18 -2.61 10.13 -16.65
CA GLN A 18 -1.98 10.23 -17.97
C GLN A 18 -2.73 11.19 -18.86
N GLU A 19 -4.05 11.12 -18.79
CA GLU A 19 -4.86 12.00 -19.59
C GLU A 19 -4.80 13.48 -19.11
N THR A 20 -4.68 13.69 -17.80
CA THR A 20 -4.62 15.04 -17.24
C THR A 20 -3.30 15.64 -17.70
N ASN A 21 -2.25 14.83 -17.56
CA ASN A 21 -0.93 15.22 -17.96
C ASN A 21 -0.84 15.54 -19.46
N GLN A 22 -1.47 14.72 -20.30
N GLN A 22 -1.47 14.71 -20.29
CA GLN A 22 -1.48 15.00 -21.74
CA GLN A 22 -1.53 14.94 -21.73
C GLN A 22 -2.19 16.30 -22.02
C GLN A 22 -2.20 16.28 -22.02
N GLN A 23 -3.36 16.50 -21.41
CA GLN A 23 -4.10 17.75 -21.60
C GLN A 23 -3.25 18.98 -21.19
N VAL A 24 -2.56 18.87 -20.06
CA VAL A 24 -1.72 19.96 -19.58
C VAL A 24 -0.57 20.25 -20.54
N LEU A 25 0.14 19.22 -20.99
CA LEU A 25 1.26 19.44 -21.89
C LEU A 25 0.81 19.98 -23.26
N LYS A 26 -0.35 19.53 -23.73
CA LYS A 26 -0.94 20.10 -24.93
C LYS A 26 -1.19 21.61 -24.73
N ASN A 27 -1.81 21.95 -23.60
CA ASN A 27 -2.06 23.36 -23.25
C ASN A 27 -0.79 24.22 -23.17
N LEU A 28 0.28 23.67 -22.57
CA LEU A 28 1.54 24.39 -22.53
C LEU A 28 2.10 24.58 -23.93
N ASP A 29 2.02 23.55 -24.75
N ASP A 29 2.03 23.56 -24.76
CA ASP A 29 2.57 23.65 -26.11
CA ASP A 29 2.58 23.66 -26.11
C ASP A 29 1.85 24.73 -26.90
C ASP A 29 1.84 24.72 -26.91
N GLU A 30 0.53 24.78 -26.73
CA GLU A 30 -0.25 25.85 -27.35
C GLU A 30 0.13 27.24 -26.83
N ILE A 31 0.22 27.38 -25.50
CA ILE A 31 0.52 28.67 -24.86
C ILE A 31 1.84 29.25 -25.39
N PHE A 32 2.85 28.40 -25.45
CA PHE A 32 4.21 28.82 -25.76
C PHE A 32 4.60 28.55 -27.21
N SER A 33 3.59 28.33 -28.06
CA SER A 33 3.74 27.96 -29.48
C SER A 33 4.98 28.49 -30.19
N GLU A 42 -3.80 39.18 -19.44
CA GLU A 42 -3.39 39.21 -18.04
C GLU A 42 -4.15 38.16 -17.23
N GLY A 44 -5.31 35.67 -19.01
N GLY A 44 -5.57 33.82 -20.24
CA GLY A 44 -4.67 34.63 -19.79
CA GLY A 44 -4.73 34.86 -19.69
C GLY A 44 -3.25 34.34 -19.29
C GLY A 44 -3.36 34.39 -19.22
N GLU A 45 -2.60 35.35 -18.71
CA GLU A 45 -1.25 35.15 -18.22
C GLU A 45 -1.26 34.37 -16.92
N GLU A 46 -2.17 34.77 -16.03
CA GLU A 46 -2.36 34.09 -14.77
C GLU A 46 -2.79 32.63 -15.00
N ASP A 47 -3.66 32.41 -15.98
CA ASP A 47 -4.05 31.06 -16.37
C ASP A 47 -2.88 30.25 -16.90
N ALA A 48 -2.10 30.85 -17.80
CA ALA A 48 -0.92 30.15 -18.30
C ALA A 48 0.02 29.75 -17.15
N LEU A 49 0.23 30.67 -16.21
CA LEU A 49 1.09 30.37 -15.08
C LEU A 49 0.50 29.24 -14.18
N ASN A 50 -0.81 29.27 -13.97
CA ASN A 50 -1.48 28.21 -13.20
C ASN A 50 -1.31 26.86 -13.87
N ILE A 51 -1.37 26.88 -15.19
CA ILE A 51 -1.19 25.65 -15.96
C ILE A 51 0.25 25.13 -15.91
N ALA A 52 1.23 26.04 -15.98
CA ALA A 52 2.63 25.60 -15.86
C ALA A 52 2.86 25.02 -14.45
N THR A 53 2.22 25.64 -13.47
CA THR A 53 2.32 25.16 -12.07
C THR A 53 1.73 23.75 -11.93
N ALA A 54 0.57 23.54 -12.54
CA ALA A 54 -0.03 22.19 -12.61
C ALA A 54 0.90 21.20 -13.30
N ALA A 55 1.54 21.61 -14.39
CA ALA A 55 2.47 20.70 -15.11
C ALA A 55 3.61 20.27 -14.17
N ILE A 56 4.09 21.25 -13.41
CA ILE A 56 5.11 20.96 -12.41
C ILE A 56 4.63 20.00 -11.31
N ALA A 57 3.45 20.24 -10.74
CA ALA A 57 2.91 19.31 -9.75
C ALA A 57 2.76 17.90 -10.35
N LEU A 58 2.33 17.81 -11.61
CA LEU A 58 2.10 16.53 -12.28
C LEU A 58 3.40 15.76 -12.45
N ARG A 59 4.48 16.46 -12.81
CA ARG A 59 5.81 15.83 -12.90
C ARG A 59 6.44 15.50 -11.56
N GLY A 60 6.06 16.21 -10.52
CA GLY A 60 6.78 16.14 -9.25
C GLY A 60 5.96 15.45 -8.17
N ASP A 61 5.34 16.24 -7.30
CA ASP A 61 4.53 15.71 -6.20
C ASP A 61 3.59 14.54 -6.60
N LEU A 62 2.84 14.72 -7.67
CA LEU A 62 1.85 13.73 -8.08
C LEU A 62 2.49 12.43 -8.67
N ALA A 63 3.63 12.57 -9.34
CA ALA A 63 4.42 11.42 -9.75
C ALA A 63 4.90 10.66 -8.52
N LEU A 64 5.25 11.37 -7.45
CA LEU A 64 5.65 10.70 -6.22
C LEU A 64 4.47 9.99 -5.57
N LEU A 65 3.28 10.59 -5.66
CA LEU A 65 2.09 9.92 -5.17
C LEU A 65 1.89 8.59 -5.93
N LYS A 66 2.01 8.68 -7.25
CA LYS A 66 1.83 7.52 -8.12
C LYS A 66 2.82 6.41 -7.79
N ALA A 67 4.09 6.78 -7.62
CA ALA A 67 5.12 5.81 -7.30
C ALA A 67 4.84 5.17 -5.94
N ASN A 68 4.29 5.97 -5.02
CA ASN A 68 3.97 5.44 -3.71
C ASN A 68 2.87 4.37 -3.78
N PHE A 69 1.81 4.69 -4.53
CA PHE A 69 0.69 3.76 -4.70
C PHE A 69 1.20 2.47 -5.37
N GLU A 70 2.09 2.61 -6.35
CA GLU A 70 2.65 1.47 -7.06
C GLU A 70 3.49 0.54 -6.16
N ALA A 71 4.41 1.14 -5.40
CA ALA A 71 5.19 0.37 -4.43
C ALA A 71 4.25 -0.35 -3.48
N ASN A 72 3.21 0.36 -3.03
CA ASN A 72 2.29 -0.35 -2.17
C ASN A 72 1.62 -1.54 -2.83
N GLU A 73 1.19 -1.38 -4.07
CA GLU A 73 0.46 -2.45 -4.78
C GLU A 73 1.38 -3.70 -4.95
N LEU A 74 2.63 -3.45 -5.34
CA LEU A 74 3.61 -4.53 -5.43
C LEU A 74 3.77 -5.24 -4.09
N PHE A 75 3.95 -4.46 -3.04
CA PHE A 75 4.09 -5.04 -1.72
C PHE A 75 2.88 -5.89 -1.35
N PHE A 76 1.69 -5.38 -1.61
CA PHE A 76 0.50 -6.13 -1.32
C PHE A 76 0.53 -7.50 -2.02
N ILE A 77 1.08 -7.55 -3.24
N ILE A 77 0.60 -7.54 -3.36
CA ILE A 77 1.42 -8.82 -3.90
CA ILE A 77 0.27 -8.78 -4.13
C ILE A 77 2.39 -9.75 -3.10
C ILE A 77 0.85 -10.08 -3.50
N SER A 78 3.63 -9.31 -2.89
N SER A 78 2.15 -9.99 -3.29
CA SER A 78 4.64 -10.17 -2.23
CA SER A 78 2.91 -10.98 -2.57
C SER A 78 4.34 -10.54 -0.74
C SER A 78 2.43 -11.09 -1.12
N GLU A 79 3.90 -9.55 0.03
N GLU A 79 2.22 -9.97 -0.41
CA GLU A 79 3.49 -9.80 1.40
CA GLU A 79 1.86 -10.10 1.01
C GLU A 79 2.26 -10.72 1.44
C GLU A 79 0.54 -10.82 1.28
N ASP A 80 1.37 -10.57 0.45
N ASP A 80 -0.48 -10.47 0.50
CA ASP A 80 0.28 -11.53 0.32
CA ASP A 80 -1.77 -11.11 0.55
C ASP A 80 0.82 -12.94 0.21
C ASP A 80 -1.52 -12.59 0.39
N VAL A 81 1.92 -13.12 -0.53
N VAL A 81 -0.68 -12.95 -0.59
CA VAL A 81 2.57 -14.44 -0.57
CA VAL A 81 -0.39 -14.39 -0.73
C VAL A 81 3.01 -14.87 0.82
C VAL A 81 0.36 -15.05 0.47
N ILE A 82 3.62 -13.96 1.56
N ILE A 82 1.30 -14.34 1.08
CA ILE A 82 4.08 -14.33 2.90
CA ILE A 82 2.03 -14.85 2.24
C ILE A 82 2.93 -14.77 3.82
C ILE A 82 1.14 -15.04 3.47
N PHE A 83 1.82 -14.04 3.80
N PHE A 83 0.13 -14.18 3.61
CA PHE A 83 0.68 -14.33 4.67
CA PHE A 83 -0.82 -14.30 4.71
C PHE A 83 -0.13 -15.58 4.26
C PHE A 83 -1.80 -15.49 4.55
N LYS A 84 0.07 -16.04 3.02
N LYS A 84 -2.28 -15.73 3.34
CA LYS A 84 -0.62 -17.22 2.50
CA LYS A 84 -3.19 -16.84 3.10
C LYS A 84 0.24 -18.49 2.66
C LYS A 84 -2.48 -18.18 3.32
N THR A 85 1.34 -18.37 3.38
N THR A 85 -1.19 -18.20 2.98
CA THR A 85 2.33 -19.43 3.50
CA THR A 85 -0.36 -19.40 3.01
C THR A 85 2.82 -19.56 4.95
C THR A 85 0.15 -19.75 4.39
N TYR A 86 4.06 -19.18 5.22
N TYR A 86 0.77 -18.76 5.02
CA TYR A 86 4.63 -19.45 6.53
CA TYR A 86 1.61 -19.01 6.19
C TYR A 86 4.02 -18.61 7.64
C TYR A 86 1.04 -18.42 7.47
N SER A 88 0.69 -18.03 7.63
N SER A 88 -2.38 -17.91 8.28
CA SER A 88 -0.74 -18.34 7.53
CA SER A 88 -3.80 -18.19 8.49
C SER A 88 -1.31 -19.15 8.69
C SER A 88 -4.10 -19.12 9.67
N SER A 89 -0.44 -19.79 9.46
N SER A 89 -3.04 -19.67 10.27
CA SER A 89 -0.87 -20.53 10.65
CA SER A 89 -3.16 -20.55 11.44
C SER A 89 0.32 -20.80 11.56
C SER A 89 -1.76 -20.80 12.01
N PRO A 90 0.06 -21.04 12.85
N PRO A 90 -1.68 -21.18 13.29
CA PRO A 90 1.17 -21.37 13.76
CA PRO A 90 -0.36 -21.42 13.90
C PRO A 90 1.94 -22.61 13.29
C PRO A 90 0.33 -22.63 13.28
N GLU A 91 1.23 -23.69 12.96
N GLU A 91 -0.46 -23.63 12.88
CA GLU A 91 1.84 -24.93 12.47
CA GLU A 91 0.09 -24.78 12.20
C GLU A 91 2.88 -24.67 11.35
C GLU A 91 0.90 -24.32 10.99
N LEU A 92 2.46 -23.91 10.35
N LEU A 92 0.30 -23.45 10.19
CA LEU A 92 3.32 -23.58 9.20
CA LEU A 92 0.91 -23.01 8.93
C LEU A 92 4.44 -22.58 9.52
C LEU A 92 2.10 -22.09 9.15
N LEU A 93 4.20 -21.69 10.49
N LEU A 93 2.10 -21.36 10.26
CA LEU A 93 5.22 -20.78 10.97
CA LEU A 93 3.24 -20.52 10.63
C LEU A 93 6.33 -21.53 11.70
C LEU A 93 4.44 -21.38 11.04
N LEU A 94 5.93 -22.39 12.63
N LEU A 94 4.19 -22.37 11.90
CA LEU A 94 6.87 -23.25 13.34
CA LEU A 94 5.20 -23.36 12.25
C LEU A 94 7.65 -24.13 12.37
C LEU A 94 5.73 -24.03 10.99
N THR A 95 6.97 -24.70 11.38
N THR A 95 4.85 -24.25 10.01
CA THR A 95 7.64 -25.53 10.38
CA THR A 95 5.29 -24.79 8.72
C THR A 95 8.69 -24.70 9.63
C THR A 95 6.19 -23.79 7.97
N TYR A 96 8.29 -23.50 9.21
N TYR A 96 5.86 -22.51 8.08
CA TYR A 96 9.22 -22.60 8.53
CA TYR A 96 6.63 -21.44 7.45
C TYR A 96 10.44 -22.24 9.38
C TYR A 96 8.05 -21.45 8.00
N LYS A 98 11.66 -24.13 11.74
N LYS A 98 9.35 -24.15 9.39
CA LYS A 98 12.43 -25.38 11.83
CA LYS A 98 9.87 -25.50 9.18
C LYS A 98 13.33 -25.56 10.61
C LYS A 98 10.42 -25.69 7.78
N ILE A 99 12.79 -25.33 9.42
N ILE A 99 9.98 -24.85 6.83
CA ILE A 99 13.61 -25.42 8.21
CA ILE A 99 10.69 -24.89 5.55
C ILE A 99 14.60 -24.26 8.08
C ILE A 99 12.10 -24.34 5.79
N ASN A 100 14.32 -23.16 8.77
N ASN A 100 12.20 -23.16 6.38
CA ASN A 100 15.22 -22.00 8.72
CA ASN A 100 13.48 -22.47 6.54
C ASN A 100 15.08 -21.08 9.93
C ASN A 100 13.55 -21.62 7.81
N SER A 114 16.18 -25.67 27.03
CA SER A 114 14.82 -26.09 27.35
C SER A 114 14.06 -26.46 26.08
N ASP A 115 13.85 -27.75 25.86
CA ASP A 115 13.12 -28.28 24.70
C ASP A 115 13.79 -27.93 23.36
N LYS A 116 13.23 -28.47 22.29
CA LYS A 116 13.70 -28.19 20.94
C LYS A 116 12.53 -27.61 20.15
N VAL A 117 11.37 -27.52 20.80
CA VAL A 117 10.16 -27.04 20.15
C VAL A 117 9.73 -25.70 20.74
N LEU A 118 10.01 -25.51 22.03
CA LEU A 118 9.80 -24.22 22.68
C LEU A 118 10.63 -23.15 21.95
N VAL A 119 11.86 -23.52 21.58
CA VAL A 119 12.74 -22.65 20.81
C VAL A 119 12.14 -22.33 19.44
N LEU A 120 11.47 -23.33 18.85
CA LEU A 120 10.80 -23.14 17.57
C LEU A 120 9.71 -22.05 17.66
N TYR A 121 8.93 -22.10 18.74
CA TYR A 121 7.94 -21.08 19.02
C TYR A 121 8.61 -19.73 19.24
N CYS A 122 9.76 -19.75 19.93
CA CYS A 122 10.55 -18.53 20.12
C CYS A 122 10.81 -17.89 18.76
N GLU A 123 11.33 -18.69 17.84
CA GLU A 123 11.63 -18.25 16.48
C GLU A 123 10.39 -17.74 15.73
N GLY A 124 9.28 -18.45 15.87
CA GLY A 124 8.04 -18.05 15.23
C GLY A 124 7.55 -16.68 15.70
N LYS A 125 7.50 -16.50 17.02
CA LYS A 125 7.10 -15.23 17.61
C LYS A 125 8.05 -14.11 17.15
N LEU A 126 9.34 -14.44 17.09
CA LEU A 126 10.29 -13.44 16.62
C LEU A 126 10.00 -13.04 15.16
N LYS A 127 9.60 -14.01 14.35
CA LYS A 127 9.33 -13.79 12.94
C LYS A 127 8.06 -12.95 12.75
N ILE A 128 7.04 -13.23 13.56
CA ILE A 128 5.83 -12.41 13.57
C ILE A 128 6.16 -10.95 13.90
N GLU A 129 6.95 -10.75 14.95
N GLU A 129 6.94 -10.73 14.96
CA GLU A 129 7.37 -9.42 15.36
CA GLU A 129 7.29 -9.35 15.30
C GLU A 129 8.12 -8.70 14.23
C GLU A 129 8.12 -8.66 14.21
N ALA A 130 9.03 -9.42 13.57
CA ALA A 130 9.80 -8.85 12.46
C ALA A 130 8.93 -8.47 11.24
N THR A 131 7.93 -9.29 10.98
CA THR A 131 6.99 -9.05 9.92
C THR A 131 6.14 -7.81 10.22
N ALA A 132 5.63 -7.73 11.44
CA ALA A 132 4.85 -6.57 11.87
C ALA A 132 5.69 -5.31 11.75
N GLN A 133 6.93 -5.38 12.18
CA GLN A 133 7.82 -4.24 12.07
C GLN A 133 8.04 -3.81 10.63
N ASN A 134 8.22 -4.78 9.73
CA ASN A 134 8.44 -4.43 8.32
C ASN A 134 7.20 -3.78 7.68
N ILE A 135 6.05 -4.33 8.05
CA ILE A 135 4.79 -3.74 7.63
C ILE A 135 4.59 -2.28 8.17
N ARG A 136 4.83 -2.07 9.46
CA ARG A 136 4.79 -0.72 10.04
C ARG A 136 5.73 0.24 9.33
N GLU A 137 6.95 -0.20 9.04
CA GLU A 137 7.85 0.70 8.33
C GLU A 137 7.33 1.06 6.96
N ARG A 138 6.74 0.08 6.28
CA ARG A 138 6.15 0.38 4.97
C ARG A 138 4.96 1.35 5.01
N LEU A 139 4.03 1.08 5.92
CA LEU A 139 2.90 1.96 6.16
C LEU A 139 3.37 3.39 6.52
N GLU A 140 4.38 3.51 7.39
CA GLU A 140 4.91 4.82 7.81
C GLU A 140 5.46 5.55 6.60
N THR A 141 6.25 4.85 5.81
CA THR A 141 6.80 5.44 4.59
C THR A 141 5.70 5.92 3.63
N SER A 142 4.66 5.09 3.48
CA SER A 142 3.55 5.43 2.60
C SER A 142 2.77 6.68 3.11
N LEU A 143 2.41 6.67 4.38
CA LEU A 143 1.73 7.79 5.02
C LEU A 143 2.55 9.08 4.85
N LYS A 144 3.86 9.01 5.03
N LYS A 144 3.86 8.99 5.02
CA LYS A 144 4.73 10.17 4.86
CA LYS A 144 4.72 10.16 4.89
C LYS A 144 4.69 10.68 3.44
C LYS A 144 4.73 10.68 3.45
N ALA A 145 4.83 9.76 2.48
CA ALA A 145 4.82 10.13 1.07
C ALA A 145 3.51 10.83 0.66
N TYR A 146 2.39 10.27 1.13
CA TYR A 146 1.10 10.89 0.84
C TYR A 146 1.03 12.30 1.50
N GLN A 147 1.30 12.37 2.80
CA GLN A 147 1.30 13.63 3.54
C GLN A 147 2.13 14.72 2.83
N SER A 148 3.32 14.35 2.36
CA SER A 148 4.23 15.29 1.72
C SER A 148 3.80 15.67 0.33
N ASN A 149 3.07 14.79 -0.33
CA ASN A 149 2.80 15.09 -1.74
C ASN A 149 1.37 15.47 -2.13
N ILE A 150 0.42 15.25 -1.23
CA ILE A 150 -0.98 15.44 -1.60
C ILE A 150 -1.27 16.94 -1.92
N GLY A 151 -0.53 17.83 -1.27
CA GLY A 151 -0.70 19.26 -1.45
C GLY A 151 -0.55 19.69 -2.89
N GLY A 152 0.28 18.99 -3.65
CA GLY A 152 0.41 19.31 -5.06
C GLY A 152 -0.87 19.19 -5.89
N THR A 153 -1.88 18.49 -5.38
CA THR A 153 -3.15 18.39 -6.12
C THR A 153 -3.93 19.71 -6.17
N ALA A 154 -3.71 20.62 -5.21
CA ALA A 154 -4.40 21.92 -5.22
C ALA A 154 -4.21 22.66 -6.54
N SER A 155 -3.03 22.49 -7.11
CA SER A 155 -2.69 23.18 -8.34
C SER A 155 -3.55 22.77 -9.52
N LEU A 156 -4.17 21.58 -9.46
CA LEU A 156 -5.05 21.16 -10.56
C LEU A 156 -6.36 21.94 -10.45
N ILE A 157 -6.82 22.17 -9.22
CA ILE A 157 -8.00 22.97 -9.01
C ILE A 157 -7.70 24.41 -9.50
N THR A 158 -6.60 24.99 -9.02
CA THR A 158 -6.25 26.38 -9.38
C THR A 158 -6.10 26.57 -10.90
N ALA A 159 -5.56 25.56 -11.58
CA ALA A 159 -5.42 25.64 -13.04
C ALA A 159 -6.70 25.40 -13.84
N SER A 160 -7.78 24.95 -13.18
CA SER A 160 -9.02 24.68 -13.92
C SER A 160 -9.61 25.97 -14.43
N GLN A 161 -10.06 25.97 -15.69
N GLN A 161 -10.11 25.93 -15.66
CA GLN A 161 -10.56 27.19 -16.32
CA GLN A 161 -10.54 27.11 -16.37
C GLN A 161 -12.09 27.33 -16.26
C GLN A 161 -12.06 27.24 -16.47
N THR A 162 -12.78 26.24 -15.96
CA THR A 162 -14.24 26.26 -15.84
C THR A 162 -14.64 25.46 -14.62
N LEU A 163 -15.87 25.63 -14.15
CA LEU A 163 -16.33 24.82 -13.02
C LEU A 163 -16.40 23.32 -13.39
N VAL A 164 -16.67 23.02 -14.65
CA VAL A 164 -16.67 21.61 -15.09
C VAL A 164 -15.31 20.97 -14.94
N GLU A 165 -14.27 21.66 -15.43
CA GLU A 165 -12.89 21.19 -15.29
C GLU A 165 -12.48 21.06 -13.80
N SER A 166 -12.87 22.05 -13.00
CA SER A 166 -12.63 21.99 -11.58
C SER A 166 -13.30 20.73 -10.93
N LEU A 167 -14.51 20.43 -11.37
CA LEU A 167 -15.26 19.27 -10.88
C LEU A 167 -14.52 17.99 -11.25
N LYS A 168 -14.07 17.91 -12.49
CA LYS A 168 -13.34 16.72 -12.93
C LYS A 168 -12.03 16.50 -12.14
N ASN A 169 -11.25 17.58 -11.96
CA ASN A 169 -10.03 17.53 -11.12
C ASN A 169 -10.31 17.16 -9.65
N LYS A 170 -11.38 17.71 -9.11
CA LYS A 170 -11.77 17.39 -7.76
C LYS A 170 -12.16 15.90 -7.63
N ASN A 171 -12.87 15.35 -8.62
CA ASN A 171 -13.16 13.93 -8.62
C ASN A 171 -11.90 13.11 -8.68
N PHE A 172 -10.93 13.57 -9.48
CA PHE A 172 -9.66 12.86 -9.55
C PHE A 172 -8.98 12.81 -8.17
N ILE A 173 -9.02 13.95 -7.48
CA ILE A 173 -8.41 14.08 -6.15
C ILE A 173 -9.11 13.25 -5.08
N LYS A 174 -10.45 13.26 -5.09
CA LYS A 174 -11.25 12.37 -4.23
C LYS A 174 -10.90 10.92 -4.48
N GLY A 175 -10.71 10.57 -5.77
CA GLY A 175 -10.26 9.21 -6.09
C GLY A 175 -8.91 8.86 -5.50
N ILE A 176 -7.96 9.80 -5.59
CA ILE A 176 -6.64 9.62 -4.96
C ILE A 176 -6.79 9.36 -3.47
N ARG A 177 -7.59 10.20 -2.80
CA ARG A 177 -7.78 9.99 -1.38
C ARG A 177 -8.43 8.59 -1.07
N LYS A 178 -9.43 8.19 -1.85
CA LYS A 178 -10.11 6.90 -1.64
C LYS A 178 -9.17 5.72 -1.78
N LEU A 179 -8.33 5.78 -2.82
CA LEU A 179 -7.35 4.75 -2.99
C LEU A 179 -6.44 4.73 -1.76
N LEU A 181 -7.07 5.65 1.35
CA LEU A 181 -7.86 5.08 2.46
C LEU A 181 -7.86 3.53 2.37
N ALA A 182 -8.05 3.02 1.15
CA ALA A 182 -8.04 1.57 0.96
C ALA A 182 -6.66 0.99 1.28
N HIS A 183 -5.59 1.58 0.74
CA HIS A 183 -4.27 1.06 1.05
C HIS A 183 -3.97 1.03 2.57
N ASN A 184 -4.33 2.12 3.26
CA ASN A 184 -4.15 2.13 4.72
C ASN A 184 -4.91 0.99 5.39
N LYS A 185 -6.16 0.78 4.94
CA LYS A 185 -6.91 -0.39 5.43
C LYS A 185 -6.16 -1.70 5.22
N VAL A 186 -5.55 -1.85 4.04
CA VAL A 186 -4.82 -3.07 3.74
C VAL A 186 -3.65 -3.30 4.72
N PHE A 187 -2.81 -2.27 4.87
CA PHE A 187 -1.67 -2.36 5.82
C PHE A 187 -2.13 -2.71 7.24
N LEU A 188 -3.14 -1.98 7.70
CA LEU A 188 -3.58 -2.20 9.08
C LEU A 188 -4.19 -3.62 9.25
N ASN A 189 -4.87 -4.09 8.22
CA ASN A 189 -5.39 -5.45 8.18
C ASN A 189 -4.26 -6.47 8.32
N TYR A 190 -3.14 -6.28 7.61
CA TYR A 190 -2.00 -7.13 7.91
C TYR A 190 -1.66 -7.13 9.39
N LEU A 191 -1.53 -5.92 9.97
CA LEU A 191 -1.16 -5.90 11.42
C LEU A 191 -2.14 -6.62 12.37
N GLU A 192 -3.43 -6.45 12.11
CA GLU A 192 -4.47 -7.10 12.87
C GLU A 192 -4.39 -8.65 12.74
N GLU A 193 -4.16 -9.11 11.50
CA GLU A 193 -3.99 -10.56 11.27
C GLU A 193 -2.81 -11.09 12.06
N LEU A 194 -1.69 -10.37 12.01
CA LEU A 194 -0.55 -10.77 12.83
C LEU A 194 -0.83 -10.81 14.34
N ASP A 195 -1.69 -9.92 14.83
N ASP A 195 -1.67 -9.92 14.85
CA ASP A 195 -2.07 -9.92 16.24
CA ASP A 195 -2.02 -9.94 16.27
C ASP A 195 -2.86 -11.18 16.62
C ASP A 195 -2.87 -11.18 16.64
N ALA A 196 -3.85 -11.49 15.78
CA ALA A 196 -4.63 -12.70 15.97
C ALA A 196 -3.73 -13.95 15.92
N LEU A 197 -2.75 -13.92 15.02
CA LEU A 197 -1.86 -15.05 14.84
C LEU A 197 -0.94 -15.21 16.04
N GLU A 198 -0.56 -14.10 16.67
CA GLU A 198 0.24 -14.19 17.89
C GLU A 198 -0.60 -14.82 19.00
N ARG A 199 -1.85 -14.37 19.15
N ARG A 199 -1.84 -14.36 19.16
CA ARG A 199 -2.74 -15.00 20.15
CA ARG A 199 -2.76 -14.99 20.12
C ARG A 199 -2.83 -16.52 19.92
C ARG A 199 -2.81 -16.51 19.91
N SER A 200 -3.11 -16.92 18.68
CA SER A 200 -3.20 -18.34 18.33
C SER A 200 -1.91 -19.13 18.55
N LEU A 201 -0.77 -18.53 18.23
CA LEU A 201 0.51 -19.17 18.41
C LEU A 201 0.77 -19.42 19.90
N GLU A 202 0.42 -18.45 20.74
CA GLU A 202 0.57 -18.66 22.19
C GLU A 202 -0.39 -19.72 22.72
N GLN A 203 -1.62 -19.72 22.23
CA GLN A 203 -2.57 -20.73 22.67
C GLN A 203 -2.12 -22.15 22.29
N SER A 204 -1.59 -22.27 21.07
CA SER A 204 -1.05 -23.54 20.59
C SER A 204 0.21 -23.94 21.37
N LYS A 205 1.01 -22.97 21.76
CA LYS A 205 2.20 -23.24 22.57
C LYS A 205 1.81 -23.76 23.96
N ARG A 206 0.81 -23.12 24.57
CA ARG A 206 0.28 -23.56 25.86
C ARG A 206 -0.25 -24.99 25.76
N GLN A 207 -1.10 -25.22 24.76
CA GLN A 207 -1.63 -26.56 24.50
C GLN A 207 -0.51 -27.61 24.30
N TYR A 208 0.57 -27.21 23.64
CA TYR A 208 1.70 -28.12 23.43
C TYR A 208 2.38 -28.45 24.75
N LEU A 209 2.73 -27.42 25.52
CA LEU A 209 3.36 -27.63 26.82
C LEU A 209 2.52 -28.51 27.73
N GLN A 210 1.20 -28.31 27.66
CA GLN A 210 0.25 -29.07 28.45
C GLN A 210 0.22 -30.54 28.02
N GLU A 211 0.53 -30.80 26.76
CA GLU A 211 0.55 -32.16 26.24
C GLU A 211 1.94 -32.81 26.31
N ARG A 212 2.88 -32.11 26.93
CA ARG A 212 4.23 -32.63 27.08
C ARG A 212 4.70 -32.48 28.53
#